data_8BZN
#
_entry.id   8BZN
#
_cell.length_a   104.867
_cell.length_b   104.867
_cell.length_c   104.867
_cell.angle_alpha   90.000
_cell.angle_beta   90.000
_cell.angle_gamma   90.000
#
_symmetry.space_group_name_H-M   'I 21 3'
#
loop_
_entity.id
_entity.type
_entity.pdbx_description
1 polymer 'Replicase polyprotein 1ab'
2 non-polymer 'ZINC ION'
3 non-polymer 'CHLORIDE ION'
4 non-polymer 'DIMETHYL SULFOXIDE'
5 water water
#
_entity_poly.entity_id   1
_entity_poly.type   'polypeptide(L)'
_entity_poly.pdbx_seq_one_letter_code
;TMGNSTVLSFCAFAVDAAKAYKDYLASGGQPITNCVKMLCTHTGTGQAITVTPEANMDQESFGGASCCLYCRCHIDHPNP
KGFCDLKGKYVQIPTICANDPVGFTLKNTVCTVCGMWKGYGCSCD
;
_entity_poly.pdbx_strand_id   A
#
# COMPACT_ATOMS: atom_id res chain seq x y z
N THR A 1 -14.15 -15.85 4.46
CA THR A 1 -12.92 -15.11 4.20
C THR A 1 -11.77 -16.08 3.83
N MET A 2 -10.99 -15.71 2.79
CA MET A 2 -10.24 -16.70 2.02
C MET A 2 -8.88 -17.09 2.60
N GLY A 3 -8.21 -16.17 3.30
CA GLY A 3 -6.80 -16.37 3.65
C GLY A 3 -5.84 -15.61 2.76
N ASN A 4 -4.85 -14.97 3.37
CA ASN A 4 -3.87 -14.20 2.62
C ASN A 4 -3.21 -15.02 1.52
N SER A 5 -2.80 -16.25 1.84
CA SER A 5 -2.10 -17.03 0.84
C SER A 5 -3.02 -17.37 -0.32
N THR A 6 -4.31 -17.58 -0.05
CA THR A 6 -5.23 -17.86 -1.13
C THR A 6 -5.39 -16.65 -2.05
N VAL A 7 -5.60 -15.47 -1.45
CA VAL A 7 -5.77 -14.23 -2.21
C VAL A 7 -4.52 -13.90 -3.02
N LEU A 8 -3.35 -13.95 -2.36
CA LEU A 8 -2.11 -13.55 -3.02
C LEU A 8 -1.76 -14.50 -4.15
N SER A 9 -1.99 -15.79 -3.95
CA SER A 9 -1.72 -16.73 -5.02
C SER A 9 -2.63 -16.43 -6.21
N PHE A 10 -3.91 -16.18 -5.93
CA PHE A 10 -4.84 -15.93 -7.01
C PHE A 10 -4.38 -14.72 -7.84
N CYS A 11 -3.93 -13.65 -7.18
CA CYS A 11 -3.46 -12.47 -7.90
C CYS A 11 -2.09 -12.72 -8.54
N ALA A 12 -1.20 -13.42 -7.85
CA ALA A 12 0.17 -13.59 -8.31
C ALA A 12 0.22 -14.19 -9.71
N PHE A 13 -0.69 -15.12 -10.02
CA PHE A 13 -0.61 -15.83 -11.29
C PHE A 13 -1.59 -15.32 -12.33
N ALA A 14 -2.42 -14.34 -11.98
CA ALA A 14 -3.26 -13.68 -12.96
C ALA A 14 -2.40 -12.86 -13.92
N VAL A 15 -2.86 -12.76 -15.16
CA VAL A 15 -2.09 -11.97 -16.12
CA VAL A 15 -2.11 -11.97 -16.13
C VAL A 15 -1.90 -10.54 -15.61
N ASP A 16 -2.90 -10.02 -14.89
CA ASP A 16 -2.89 -8.66 -14.34
C ASP A 16 -3.20 -8.74 -12.85
N ALA A 17 -2.17 -8.71 -12.01
CA ALA A 17 -2.38 -8.95 -10.59
C ALA A 17 -3.19 -7.84 -9.94
N ALA A 18 -2.91 -6.58 -10.32
CA ALA A 18 -3.62 -5.45 -9.74
C ALA A 18 -5.11 -5.51 -10.04
N LYS A 19 -5.46 -5.80 -11.29
CA LYS A 19 -6.87 -5.95 -11.64
C LYS A 19 -7.51 -7.02 -10.77
N ALA A 20 -6.85 -8.16 -10.64
CA ALA A 20 -7.38 -9.26 -9.84
C ALA A 20 -7.61 -8.80 -8.40
N TYR A 21 -6.65 -8.09 -7.82
CA TYR A 21 -6.87 -7.64 -6.44
C TYR A 21 -8.00 -6.62 -6.38
N LYS A 22 -8.08 -5.70 -7.35
CA LYS A 22 -9.11 -4.68 -7.26
C LYS A 22 -10.50 -5.31 -7.40
N ASP A 23 -10.64 -6.28 -8.31
CA ASP A 23 -11.93 -6.91 -8.56
C ASP A 23 -12.38 -7.75 -7.37
N TYR A 24 -11.44 -8.44 -6.73
CA TYR A 24 -11.70 -9.12 -5.47
C TYR A 24 -12.23 -8.15 -4.41
N LEU A 25 -11.52 -7.04 -4.19
CA LEU A 25 -11.99 -6.04 -3.22
C LEU A 25 -13.38 -5.53 -3.57
N ALA A 26 -13.63 -5.20 -4.84
CA ALA A 26 -14.93 -4.64 -5.21
C ALA A 26 -16.05 -5.65 -5.02
N SER A 27 -15.71 -6.93 -5.02
CA SER A 27 -16.72 -7.96 -4.80
C SER A 27 -17.00 -8.17 -3.31
N GLY A 28 -16.31 -7.45 -2.44
CA GLY A 28 -16.48 -7.64 -1.00
C GLY A 28 -15.49 -8.59 -0.33
N GLY A 29 -14.40 -8.96 -1.00
CA GLY A 29 -13.43 -9.86 -0.39
C GLY A 29 -12.68 -9.19 0.74
N GLN A 30 -12.27 -9.99 1.73
CA GLN A 30 -11.50 -9.44 2.84
C GLN A 30 -10.14 -8.97 2.34
N PRO A 31 -9.73 -7.76 2.67
CA PRO A 31 -8.37 -7.31 2.34
C PRO A 31 -7.27 -8.20 2.89
N ILE A 32 -6.16 -8.24 2.13
CA ILE A 32 -4.92 -8.85 2.60
C ILE A 32 -4.51 -8.22 3.91
N THR A 33 -4.18 -9.05 4.90
CA THR A 33 -3.74 -8.59 6.20
C THR A 33 -2.25 -8.84 6.41
N ASN A 34 -1.84 -8.77 7.70
CA ASN A 34 -0.47 -8.98 8.10
CA ASN A 34 -0.47 -8.93 8.16
C ASN A 34 0.50 -8.02 7.40
N CYS A 35 0.06 -6.81 7.07
CA CYS A 35 1.02 -5.77 6.73
C CYS A 35 1.74 -5.33 8.00
N VAL A 36 2.95 -4.81 7.83
CA VAL A 36 3.85 -4.48 8.94
C VAL A 36 3.54 -3.06 9.41
N LYS A 37 2.77 -2.94 10.50
CA LYS A 37 2.46 -1.63 11.06
C LYS A 37 3.64 -1.09 11.86
N MET A 38 3.86 0.23 11.74
CA MET A 38 4.93 0.90 12.47
C MET A 38 4.38 1.64 13.67
N LEU A 39 5.12 1.55 14.76
CA LEU A 39 4.92 2.44 15.88
C LEU A 39 5.59 3.77 15.54
N CYS A 40 4.84 4.86 15.65
CA CYS A 40 5.38 6.18 15.35
C CYS A 40 4.63 7.26 16.14
N THR A 41 5.19 8.48 16.11
CA THR A 41 4.64 9.57 16.91
C THR A 41 3.36 10.15 16.34
N HIS A 42 3.11 9.99 15.03
CA HIS A 42 1.99 10.62 14.34
C HIS A 42 2.09 12.15 14.32
N THR A 43 3.29 12.69 14.51
CA THR A 43 3.57 14.08 14.23
C THR A 43 4.59 14.21 13.11
N GLY A 44 4.56 13.27 12.15
CA GLY A 44 5.41 13.31 10.99
C GLY A 44 4.90 14.26 9.91
N THR A 45 5.64 14.31 8.80
CA THR A 45 5.32 15.22 7.69
C THR A 45 4.00 14.89 7.01
N GLY A 46 3.58 13.63 7.03
CA GLY A 46 2.40 13.21 6.31
C GLY A 46 2.61 12.87 4.86
N GLN A 47 3.82 13.05 4.34
CA GLN A 47 4.20 12.54 3.02
C GLN A 47 3.83 11.09 2.84
N ALA A 48 3.61 10.67 1.60
CA ALA A 48 3.07 9.35 1.35
C ALA A 48 4.11 8.24 1.54
N ILE A 49 5.32 8.40 0.97
CA ILE A 49 6.39 7.39 1.02
C ILE A 49 7.66 8.07 1.47
N THR A 50 8.27 7.57 2.55
CA THR A 50 9.39 8.29 3.17
C THR A 50 10.45 7.31 3.66
N VAL A 51 11.64 7.84 3.95
CA VAL A 51 12.74 6.99 4.40
CA VAL A 51 12.75 7.00 4.41
C VAL A 51 12.46 6.41 5.80
N THR A 52 11.81 7.16 6.67
CA THR A 52 11.36 6.67 7.97
C THR A 52 9.87 6.95 8.13
N PRO A 53 9.23 6.40 9.17
CA PRO A 53 7.79 6.64 9.33
C PRO A 53 7.49 8.12 9.53
N GLU A 54 6.49 8.62 8.79
CA GLU A 54 6.19 10.04 8.81
C GLU A 54 4.71 10.32 8.95
N ALA A 55 3.96 9.41 9.56
CA ALA A 55 2.50 9.59 9.67
C ALA A 55 2.13 10.85 10.44
N ASN A 56 1.15 11.61 9.92
CA ASN A 56 0.55 12.70 10.67
C ASN A 56 -0.60 12.15 11.51
N MET A 57 -1.37 13.05 12.13
CA MET A 57 -2.47 12.65 13.02
C MET A 57 -3.58 11.88 12.29
N ASP A 58 -3.61 11.89 10.97
CA ASP A 58 -4.70 11.24 10.26
C ASP A 58 -4.27 9.96 9.58
N GLN A 59 -3.04 9.51 9.78
CA GLN A 59 -2.50 8.40 9.02
C GLN A 59 -1.96 7.31 9.94
N GLU A 60 -1.73 6.15 9.35
CA GLU A 60 -0.93 5.09 9.94
C GLU A 60 0.25 4.85 9.01
N SER A 61 1.39 4.45 9.57
CA SER A 61 2.60 4.14 8.80
CA SER A 61 2.58 4.13 8.79
C SER A 61 2.79 2.63 8.74
N PHE A 62 3.23 2.14 7.57
CA PHE A 62 3.48 0.72 7.38
C PHE A 62 4.82 0.51 6.70
N GLY A 63 5.37 -0.68 6.87
CA GLY A 63 6.54 -1.04 6.12
C GLY A 63 6.17 -1.12 4.66
N GLY A 64 6.95 -0.48 3.80
CA GLY A 64 6.56 -0.35 2.41
C GLY A 64 6.35 -1.68 1.71
N ALA A 65 7.33 -2.59 1.81
CA ALA A 65 7.24 -3.84 1.07
C ALA A 65 6.00 -4.63 1.45
N SER A 66 5.59 -4.57 2.73
CA SER A 66 4.45 -5.36 3.20
C SER A 66 3.11 -4.87 2.68
N CYS A 67 3.04 -3.68 2.12
CA CYS A 67 1.85 -3.08 1.55
CA CYS A 67 1.79 -3.23 1.54
C CYS A 67 1.90 -3.06 0.03
N CYS A 68 2.88 -3.72 -0.56
CA CYS A 68 3.05 -3.71 -2.01
C CYS A 68 2.52 -5.03 -2.53
N LEU A 69 1.50 -4.96 -3.38
CA LEU A 69 0.94 -6.18 -3.95
C LEU A 69 2.02 -7.00 -4.66
N TYR A 70 2.88 -6.36 -5.44
CA TYR A 70 3.89 -7.12 -6.17
C TYR A 70 4.90 -7.74 -5.22
N CYS A 71 5.39 -6.96 -4.26
CA CYS A 71 6.23 -7.54 -3.21
C CYS A 71 5.52 -8.69 -2.49
N ARG A 72 4.24 -8.55 -2.14
CA ARG A 72 3.58 -9.60 -1.38
C ARG A 72 3.32 -10.85 -2.24
N CYS A 73 3.15 -10.66 -3.55
CA CYS A 73 2.97 -11.72 -4.51
C CYS A 73 4.27 -12.28 -5.08
N HIS A 74 5.45 -11.79 -4.67
CA HIS A 74 6.73 -12.28 -5.20
C HIS A 74 6.75 -12.26 -6.72
N ILE A 75 6.16 -11.22 -7.31
CA ILE A 75 6.27 -11.09 -8.75
C ILE A 75 6.98 -9.78 -9.09
N ASP A 76 7.20 -9.57 -10.38
CA ASP A 76 7.89 -8.39 -10.87
C ASP A 76 6.99 -7.17 -10.77
N HIS A 77 7.59 -6.05 -10.63
CA HIS A 77 6.83 -4.84 -10.56
C HIS A 77 6.52 -4.37 -11.97
N PRO A 78 5.39 -3.79 -12.17
CA PRO A 78 4.89 -3.51 -13.52
C PRO A 78 5.54 -2.30 -14.19
N ASN A 79 6.87 -2.26 -14.20
CA ASN A 79 7.53 -1.25 -15.00
C ASN A 79 8.84 -1.82 -15.53
N PRO A 80 9.41 -1.19 -16.59
CA PRO A 80 10.68 -1.67 -17.18
C PRO A 80 11.81 -1.97 -16.19
N LYS A 81 12.32 -0.95 -15.48
CA LYS A 81 13.43 -1.19 -14.55
C LYS A 81 13.05 -2.09 -13.39
N GLY A 82 11.78 -2.47 -13.27
CA GLY A 82 11.31 -3.28 -12.16
C GLY A 82 11.54 -2.71 -10.76
N PHE A 83 11.88 -1.43 -10.62
CA PHE A 83 12.14 -0.91 -9.28
C PHE A 83 10.82 -0.76 -8.53
N CYS A 84 10.86 -1.02 -7.22
CA CYS A 84 9.68 -0.85 -6.38
C CYS A 84 9.82 0.45 -5.60
N ASP A 85 8.80 1.28 -5.68
CA ASP A 85 8.86 2.55 -4.95
C ASP A 85 8.53 2.41 -3.46
N LEU A 86 8.04 1.26 -2.99
CA LEU A 86 7.70 1.07 -1.58
C LEU A 86 8.73 0.28 -0.80
N LYS A 87 9.38 -0.69 -1.44
CA LYS A 87 10.35 -1.55 -0.80
C LYS A 87 11.44 -0.74 -0.10
N GLY A 88 11.72 -1.08 1.15
CA GLY A 88 12.73 -0.40 1.91
C GLY A 88 12.30 0.93 2.50
N LYS A 89 11.11 1.38 2.20
CA LYS A 89 10.62 2.64 2.73
C LYS A 89 9.43 2.38 3.64
N TYR A 90 8.79 3.45 4.07
CA TYR A 90 7.66 3.39 4.97
C TYR A 90 6.53 4.16 4.31
N VAL A 91 5.33 3.57 4.31
CA VAL A 91 4.22 4.15 3.56
C VAL A 91 3.20 4.66 4.57
N GLN A 92 2.67 5.85 4.31
CA GLN A 92 1.69 6.49 5.17
C GLN A 92 0.32 6.26 4.55
N ILE A 93 -0.59 5.66 5.30
CA ILE A 93 -1.92 5.33 4.83
C ILE A 93 -2.90 6.10 5.69
N PRO A 94 -3.84 6.84 5.10
CA PRO A 94 -4.92 7.44 5.90
C PRO A 94 -5.60 6.35 6.74
N THR A 95 -5.83 6.63 8.03
CA THR A 95 -6.31 5.55 8.89
CA THR A 95 -6.33 5.58 8.92
C THR A 95 -7.68 5.03 8.44
N ILE A 96 -8.47 5.86 7.76
CA ILE A 96 -9.75 5.40 7.20
C ILE A 96 -9.53 4.19 6.31
N CYS A 97 -8.41 4.17 5.59
CA CYS A 97 -8.12 3.11 4.65
C CYS A 97 -7.09 2.14 5.18
N ALA A 98 -6.70 2.26 6.46
CA ALA A 98 -5.65 1.41 6.99
C ALA A 98 -6.08 -0.04 7.14
N ASN A 99 -7.36 -0.35 7.00
CA ASN A 99 -7.79 -1.73 6.92
C ASN A 99 -7.38 -2.40 5.61
N ASP A 100 -6.92 -1.64 4.60
CA ASP A 100 -6.50 -2.20 3.31
C ASP A 100 -5.31 -1.45 2.73
N PRO A 101 -4.15 -1.54 3.37
CA PRO A 101 -2.98 -0.81 2.85
C PRO A 101 -2.52 -1.30 1.48
N VAL A 102 -2.58 -2.63 1.23
CA VAL A 102 -2.17 -3.12 -0.09
C VAL A 102 -3.06 -2.51 -1.17
N GLY A 103 -4.37 -2.55 -0.94
CA GLY A 103 -5.29 -1.99 -1.92
C GLY A 103 -5.15 -0.50 -2.03
N PHE A 104 -4.87 0.17 -0.91
CA PHE A 104 -4.72 1.60 -0.96
C PHE A 104 -3.53 2.00 -1.85
N THR A 105 -2.35 1.46 -1.58
CA THR A 105 -1.19 1.87 -2.39
C THR A 105 -1.44 1.55 -3.84
N LEU A 106 -2.13 0.45 -4.11
CA LEU A 106 -2.38 0.08 -5.48
C LEU A 106 -3.21 1.14 -6.19
N LYS A 107 -4.29 1.60 -5.54
CA LYS A 107 -5.26 2.43 -6.24
C LYS A 107 -4.83 3.89 -6.32
N ASN A 108 -3.88 4.32 -5.51
CA ASN A 108 -3.67 5.76 -5.34
C ASN A 108 -2.31 6.18 -5.90
N THR A 109 -2.12 7.48 -5.95
CA THR A 109 -0.98 8.12 -6.60
C THR A 109 -0.49 9.26 -5.74
N VAL A 110 0.83 9.35 -5.60
CA VAL A 110 1.43 10.40 -4.80
C VAL A 110 1.49 11.67 -5.61
N CYS A 111 1.02 12.77 -5.04
CA CYS A 111 1.06 14.04 -5.73
C CYS A 111 2.51 14.44 -5.96
N THR A 112 2.85 14.70 -7.21
CA THR A 112 4.21 15.06 -7.56
C THR A 112 4.65 16.36 -6.91
N VAL A 113 3.72 17.16 -6.40
CA VAL A 113 4.02 18.48 -5.87
C VAL A 113 4.37 18.40 -4.40
N CYS A 114 3.39 18.01 -3.59
CA CYS A 114 3.51 18.02 -2.14
C CYS A 114 3.91 16.66 -1.58
N GLY A 115 4.14 15.67 -2.42
CA GLY A 115 4.58 14.39 -1.94
C GLY A 115 3.57 13.62 -1.11
N MET A 116 2.33 14.10 -1.03
CA MET A 116 1.27 13.42 -0.30
C MET A 116 0.32 12.73 -1.28
N TRP A 117 -0.50 11.82 -0.75
CA TRP A 117 -1.44 11.09 -1.60
C TRP A 117 -2.48 12.02 -2.22
N LYS A 118 -2.60 11.95 -3.54
CA LYS A 118 -3.61 12.71 -4.26
C LYS A 118 -4.99 12.28 -3.80
N GLY A 119 -5.87 13.26 -3.57
CA GLY A 119 -7.20 12.96 -3.13
C GLY A 119 -7.36 12.68 -1.64
N TYR A 120 -6.26 12.52 -0.89
CA TYR A 120 -6.37 12.43 0.56
C TYR A 120 -5.60 13.56 1.22
N GLY A 121 -4.34 13.29 1.58
CA GLY A 121 -3.52 14.32 2.21
C GLY A 121 -3.24 15.52 1.31
N CYS A 122 -3.07 15.29 0.00
CA CYS A 122 -2.79 16.39 -0.92
C CYS A 122 -3.91 17.44 -0.90
N SER A 123 -3.59 18.64 -0.42
CA SER A 123 -4.52 19.76 -0.41
C SER A 123 -4.14 20.79 -1.45
N CYS A 124 -3.67 20.34 -2.61
CA CYS A 124 -3.19 21.24 -3.65
C CYS A 124 -4.33 21.72 -4.58
#